data_9FJ8
#
_entry.id   9FJ8
#
_cell.length_a   137.338
_cell.length_b   137.338
_cell.length_c   168.951
_cell.angle_alpha   90.000
_cell.angle_beta   90.000
_cell.angle_gamma   120.000
#
_symmetry.space_group_name_H-M   'P 32 2 1'
#
loop_
_entity.id
_entity.type
_entity.pdbx_description
1 polymer '1,2-beta-oligomannan phosphorylase'
2 branched beta-D-mannopyranose-(1-2)-beta-D-mannopyranose-(1-2)-beta-D-mannopyranose-(1-2)-beta-D-mannopyranose
3 branched beta-D-mannopyranose-(1-2)-beta-D-mannopyranose-(1-2)-beta-D-mannopyranose
4 non-polymer 1,2-ETHANEDIOL
5 non-polymer 'SULFATE ION'
6 water water
#
_entity_poly.entity_id   1
_entity_poly.type   'polypeptide(L)'
_entity_poly.pdbx_seq_one_letter_code
;MGIKLKRLSDKPVLMPKAENEWERAAVFNTAAIYDNGLFHLIYRATDIGPHAKYGKYISRLGYAVSKDGINFMRLDKPVM
SNETEQELRGLEDPRIVKIDGIYYMMYTGFGDRFQDDYRICLATSKNLIDWERKGVVLDEPNKDASLFPEKINGKYVMLH
RRYPDIWIAFSDDLKNWYDHKPILKPIPNTWESARVGIGGPPIKTKDGWFLIYHAADDNNVYRLGAVLLDLEDPSKVIAR
QKEPILEPELGWEKEGYIPNVVFSCGNAVKDDTIYVYYGGADTVIGVAILEMKDIKFHHHHHH
;
_entity_poly.pdbx_strand_id   A,B
#
loop_
_chem_comp.id
_chem_comp.type
_chem_comp.name
_chem_comp.formula
BMA D-saccharide, beta linking beta-D-mannopyranose 'C6 H12 O6'
EDO non-polymer 1,2-ETHANEDIOL 'C2 H6 O2'
SO4 non-polymer 'SULFATE ION' 'O4 S -2'
#
# COMPACT_ATOMS: atom_id res chain seq x y z
N GLY A 2 10.07 26.33 -25.74
CA GLY A 2 10.60 24.99 -25.40
C GLY A 2 9.77 24.32 -24.32
N ILE A 3 10.40 23.44 -23.54
CA ILE A 3 9.70 22.52 -22.60
C ILE A 3 9.25 23.31 -21.37
N LYS A 4 7.95 23.25 -21.07
CA LYS A 4 7.36 23.79 -19.81
C LYS A 4 6.51 22.69 -19.16
N LEU A 5 6.71 22.43 -17.87
CA LEU A 5 5.85 21.49 -17.11
C LEU A 5 4.52 22.20 -16.84
N LYS A 6 3.41 21.45 -16.85
CA LYS A 6 2.06 22.01 -16.62
C LYS A 6 1.52 21.48 -15.28
N ARG A 7 1.26 22.37 -14.32
CA ARG A 7 0.70 21.99 -13.00
C ARG A 7 -0.69 21.37 -13.22
N LEU A 8 -0.94 20.23 -12.56
CA LEU A 8 -2.22 19.54 -12.63
C LEU A 8 -3.23 20.18 -11.69
N SER A 9 -2.71 20.91 -10.69
CA SER A 9 -3.53 21.48 -9.65
C SER A 9 -2.85 22.75 -9.14
N ASP A 10 -3.66 23.71 -8.67
CA ASP A 10 -3.09 24.91 -8.05
C ASP A 10 -2.99 24.70 -6.53
N LYS A 11 -3.34 23.49 -6.06
CA LYS A 11 -3.14 23.11 -4.67
C LYS A 11 -2.14 21.96 -4.59
N PRO A 12 -1.45 21.76 -3.44
CA PRO A 12 -0.57 20.60 -3.25
C PRO A 12 -1.33 19.28 -3.29
N VAL A 13 -0.63 18.21 -3.69
CA VAL A 13 -1.22 16.88 -3.71
C VAL A 13 -0.91 16.16 -2.39
N LEU A 14 0.05 16.67 -1.61
CA LEU A 14 0.29 16.12 -0.28
C LEU A 14 0.83 17.23 0.62
N MET A 15 0.38 17.22 1.88
CA MET A 15 0.71 18.26 2.85
C MET A 15 1.04 17.61 4.18
N PRO A 16 1.77 18.31 5.09
CA PRO A 16 2.07 17.77 6.41
C PRO A 16 0.79 17.49 7.20
N LYS A 17 0.91 16.60 8.19
CA LYS A 17 -0.23 16.11 8.93
C LYS A 17 0.03 16.30 10.42
N ALA A 18 -0.71 17.24 11.00
CA ALA A 18 -0.53 17.70 12.37
C ALA A 18 -0.57 16.56 13.38
N GLU A 19 -1.34 15.50 13.09
CA GLU A 19 -1.58 14.45 14.06
C GLU A 19 -0.38 13.51 14.22
N ASN A 20 0.49 13.47 13.20
CA ASN A 20 1.61 12.53 13.20
C ASN A 20 2.92 13.29 13.33
N GLU A 21 3.64 13.08 14.44
CA GLU A 21 4.82 13.86 14.74
C GLU A 21 5.86 13.75 13.62
N TRP A 22 6.02 12.53 13.06
CA TRP A 22 7.09 12.28 12.10
C TRP A 22 6.90 13.07 10.80
N GLU A 23 5.67 13.54 10.52
CA GLU A 23 5.41 14.29 9.30
C GLU A 23 4.58 15.54 9.62
N ARG A 24 4.81 16.11 10.79
CA ARG A 24 3.99 17.21 11.29
C ARG A 24 4.34 18.54 10.61
N ALA A 25 5.58 18.71 10.14
CA ALA A 25 6.05 20.00 9.67
C ALA A 25 6.08 20.09 8.15
N ALA A 26 6.57 19.05 7.48
CA ALA A 26 6.86 19.14 6.05
C ALA A 26 6.84 17.77 5.39
N VAL A 27 6.30 17.73 4.17
CA VAL A 27 6.44 16.60 3.27
C VAL A 27 6.90 17.15 1.92
N PHE A 28 7.97 16.56 1.37
CA PHE A 28 8.61 17.14 0.19
C PHE A 28 9.56 16.13 -0.45
N ASN A 29 10.14 16.53 -1.58
CA ASN A 29 11.26 15.84 -2.22
C ASN A 29 11.00 14.33 -2.23
N THR A 30 10.00 13.93 -3.00
CA THR A 30 9.48 12.57 -2.97
C THR A 30 9.96 11.79 -4.20
N ALA A 31 10.25 10.50 -3.99
CA ALA A 31 10.36 9.55 -5.08
C ALA A 31 8.97 9.26 -5.62
N ALA A 32 8.89 8.83 -6.89
CA ALA A 32 7.62 8.53 -7.52
C ALA A 32 7.81 7.43 -8.57
N ILE A 33 6.84 6.50 -8.64
CA ILE A 33 6.88 5.45 -9.64
C ILE A 33 5.46 4.94 -9.91
N TYR A 34 5.19 4.66 -11.19
CA TYR A 34 3.93 4.06 -11.61
C TYR A 34 4.14 2.55 -11.70
N ASP A 35 3.33 1.79 -10.96
CA ASP A 35 3.44 0.34 -10.96
C ASP A 35 2.09 -0.30 -10.62
N ASN A 36 1.73 -1.33 -11.41
CA ASN A 36 0.57 -2.17 -11.15
C ASN A 36 -0.69 -1.31 -11.03
N GLY A 37 -0.84 -0.32 -11.92
CA GLY A 37 -2.06 0.46 -12.03
C GLY A 37 -2.11 1.65 -11.06
N LEU A 38 -1.03 1.93 -10.34
CA LEU A 38 -1.05 2.96 -9.30
C LEU A 38 0.21 3.82 -9.34
N PHE A 39 0.05 5.10 -8.97
CA PHE A 39 1.15 5.98 -8.63
C PHE A 39 1.55 5.76 -7.17
N HIS A 40 2.84 5.57 -6.93
CA HIS A 40 3.38 5.39 -5.58
C HIS A 40 4.38 6.49 -5.27
N LEU A 41 4.28 7.08 -4.07
CA LEU A 41 5.21 8.09 -3.59
C LEU A 41 5.96 7.53 -2.38
N ILE A 42 7.28 7.73 -2.36
CA ILE A 42 8.06 7.58 -1.13
C ILE A 42 8.58 8.96 -0.77
N TYR A 43 7.95 9.59 0.24
CA TYR A 43 8.12 11.02 0.47
C TYR A 43 8.99 11.28 1.69
N ARG A 44 9.82 12.31 1.59
CA ARG A 44 10.57 12.83 2.72
C ARG A 44 9.63 13.62 3.62
N ALA A 45 9.76 13.41 4.94
CA ALA A 45 8.92 14.06 5.93
C ALA A 45 9.74 14.43 7.16
N THR A 46 9.48 15.62 7.73
CA THR A 46 10.20 16.06 8.93
C THR A 46 9.22 16.43 10.04
N ASP A 47 9.70 16.27 11.28
CA ASP A 47 8.96 16.60 12.49
C ASP A 47 9.05 18.10 12.78
N ILE A 48 10.10 18.74 12.23
CA ILE A 48 10.42 20.14 12.45
C ILE A 48 10.73 20.74 11.08
N GLY A 49 10.54 22.05 10.93
CA GLY A 49 10.92 22.71 9.69
C GLY A 49 12.34 22.33 9.28
N PRO A 50 12.59 21.96 8.00
CA PRO A 50 13.90 21.44 7.58
C PRO A 50 14.99 22.48 7.37
N HIS A 51 15.37 23.17 8.46
CA HIS A 51 16.52 24.07 8.49
C HIS A 51 16.98 24.16 9.94
N ALA A 52 18.30 24.33 10.15
CA ALA A 52 18.87 24.39 11.48
C ALA A 52 18.26 25.51 12.32
N LYS A 53 17.76 26.56 11.67
CA LYS A 53 17.19 27.71 12.36
C LYS A 53 15.88 27.34 13.08
N TYR A 54 15.25 26.23 12.67
CA TYR A 54 14.01 25.79 13.28
C TYR A 54 14.30 24.75 14.37
N GLY A 55 15.38 23.95 14.21
CA GLY A 55 15.72 22.93 15.19
C GLY A 55 16.38 21.72 14.55
N LYS A 56 16.53 20.64 15.33
CA LYS A 56 17.22 19.42 14.89
C LYS A 56 16.25 18.48 14.18
N TYR A 57 15.82 18.89 12.98
CA TYR A 57 14.84 18.14 12.20
C TYR A 57 15.37 16.73 11.92
N ILE A 58 14.44 15.75 11.91
CA ILE A 58 14.74 14.39 11.49
C ILE A 58 13.85 14.05 10.30
N SER A 59 14.47 13.59 9.22
CA SER A 59 13.77 13.20 8.00
C SER A 59 13.48 11.69 8.03
N ARG A 60 12.21 11.34 7.74
CA ARG A 60 11.83 9.94 7.56
C ARG A 60 11.06 9.81 6.26
N LEU A 61 10.86 8.56 5.79
CA LEU A 61 10.28 8.30 4.49
C LEU A 61 8.89 7.68 4.64
N GLY A 62 7.88 8.35 4.07
CA GLY A 62 6.50 7.87 4.09
C GLY A 62 6.09 7.24 2.76
N TYR A 63 4.92 6.59 2.76
CA TYR A 63 4.36 5.97 1.55
C TYR A 63 2.97 6.55 1.29
N ALA A 64 2.71 6.91 0.02
CA ALA A 64 1.40 7.33 -0.43
C ALA A 64 1.08 6.69 -1.79
N VAL A 65 -0.22 6.55 -2.09
CA VAL A 65 -0.65 5.84 -3.29
C VAL A 65 -1.90 6.53 -3.87
N SER A 66 -2.02 6.47 -5.21
CA SER A 66 -3.07 7.15 -5.94
C SER A 66 -3.39 6.43 -7.25
N LYS A 67 -4.67 6.45 -7.65
CA LYS A 67 -5.08 5.90 -8.94
C LYS A 67 -4.88 6.92 -10.04
N ASP A 68 -5.07 8.20 -9.72
CA ASP A 68 -5.17 9.25 -10.73
C ASP A 68 -3.93 10.15 -10.73
N GLY A 69 -3.08 10.05 -9.70
CA GLY A 69 -1.84 10.81 -9.65
C GLY A 69 -2.01 12.18 -9.00
N ILE A 70 -3.21 12.48 -8.51
CA ILE A 70 -3.54 13.78 -7.93
C ILE A 70 -4.02 13.58 -6.48
N ASN A 71 -4.95 12.64 -6.30
CA ASN A 71 -5.57 12.38 -5.00
C ASN A 71 -4.92 11.16 -4.37
N PHE A 72 -4.29 11.37 -3.20
CA PHE A 72 -3.46 10.35 -2.59
C PHE A 72 -4.08 9.87 -1.27
N MET A 73 -3.86 8.57 -1.01
CA MET A 73 -4.01 7.97 0.29
C MET A 73 -2.61 7.73 0.85
N ARG A 74 -2.48 7.77 2.19
CA ARG A 74 -1.17 7.73 2.82
C ARG A 74 -1.19 6.83 4.05
N LEU A 75 -0.07 6.13 4.29
CA LEU A 75 0.11 5.29 5.46
C LEU A 75 0.46 6.16 6.67
N ASP A 76 0.13 5.63 7.85
CA ASP A 76 0.17 6.40 9.09
C ASP A 76 1.58 6.41 9.69
N LYS A 77 2.46 5.50 9.23
CA LYS A 77 3.81 5.40 9.75
C LYS A 77 4.81 5.39 8.61
N PRO A 78 6.07 5.81 8.86
CA PRO A 78 7.11 5.81 7.83
C PRO A 78 7.53 4.38 7.47
N VAL A 79 7.85 4.16 6.20
CA VAL A 79 8.28 2.85 5.73
C VAL A 79 9.78 2.69 5.96
N MET A 80 10.52 3.81 6.07
CA MET A 80 11.88 3.80 6.58
C MET A 80 12.06 4.93 7.59
N SER A 81 12.74 4.61 8.70
CA SER A 81 12.98 5.55 9.78
C SER A 81 14.48 5.60 10.09
N ASN A 82 14.87 6.57 10.92
CA ASN A 82 16.27 6.77 11.29
C ASN A 82 16.74 5.60 12.16
N GLU A 83 17.68 4.80 11.63
CA GLU A 83 18.06 3.56 12.30
C GLU A 83 19.57 3.48 12.52
N THR A 84 20.39 3.96 11.57
CA THR A 84 21.84 3.82 11.65
C THR A 84 22.45 5.15 12.11
N GLU A 85 23.78 5.11 12.35
CA GLU A 85 24.54 6.28 12.73
C GLU A 85 24.65 7.26 11.55
N GLN A 86 24.72 6.72 10.33
CA GLN A 86 24.74 7.54 9.13
C GLN A 86 23.40 8.24 8.92
N GLU A 87 22.35 7.74 9.59
CA GLU A 87 21.01 8.29 9.49
C GLU A 87 20.58 8.96 10.80
N LEU A 88 21.51 9.50 11.59
CA LEU A 88 21.15 10.09 12.87
C LEU A 88 20.09 11.16 12.69
N ARG A 89 20.21 11.98 11.63
CA ARG A 89 19.25 13.04 11.34
C ARG A 89 18.31 12.62 10.20
N GLY A 90 18.36 11.34 9.80
CA GLY A 90 17.31 10.75 8.99
C GLY A 90 17.72 10.49 7.54
N LEU A 91 16.69 10.29 6.70
CA LEU A 91 16.82 9.86 5.31
C LEU A 91 16.14 10.90 4.42
N GLU A 92 16.80 11.30 3.33
CA GLU A 92 16.36 12.43 2.53
C GLU A 92 16.34 12.10 1.05
N ASP A 93 15.42 12.75 0.32
CA ASP A 93 15.50 12.95 -1.12
C ASP A 93 15.70 11.63 -1.85
N PRO A 94 14.79 10.64 -1.67
CA PRO A 94 14.96 9.33 -2.33
C PRO A 94 14.67 9.40 -3.82
N ARG A 95 15.42 8.62 -4.60
CA ARG A 95 15.15 8.37 -6.01
C ARG A 95 15.03 6.87 -6.23
N ILE A 96 13.97 6.43 -6.93
CA ILE A 96 13.68 5.01 -7.08
C ILE A 96 13.60 4.66 -8.57
N VAL A 97 14.21 3.51 -8.91
CA VAL A 97 13.96 2.85 -10.19
C VAL A 97 13.68 1.38 -9.91
N LYS A 98 13.04 0.71 -10.87
CA LYS A 98 12.72 -0.70 -10.76
C LYS A 98 13.45 -1.46 -11.87
N ILE A 99 14.29 -2.43 -11.48
CA ILE A 99 15.01 -3.25 -12.43
C ILE A 99 14.79 -4.72 -12.09
N ASP A 100 14.21 -5.47 -13.04
CA ASP A 100 13.98 -6.91 -12.93
C ASP A 100 13.29 -7.26 -11.61
N GLY A 101 12.20 -6.57 -11.30
CA GLY A 101 11.35 -6.94 -10.18
C GLY A 101 11.82 -6.36 -8.84
N ILE A 102 12.91 -5.56 -8.84
CA ILE A 102 13.45 -5.04 -7.60
C ILE A 102 13.55 -3.51 -7.69
N TYR A 103 13.07 -2.85 -6.63
CA TYR A 103 13.16 -1.40 -6.51
C TYR A 103 14.49 -1.02 -5.85
N TYR A 104 15.23 -0.12 -6.51
CA TYR A 104 16.50 0.39 -6.01
C TYR A 104 16.30 1.86 -5.63
N MET A 105 16.41 2.15 -4.33
CA MET A 105 16.23 3.50 -3.82
C MET A 105 17.58 4.04 -3.34
N MET A 106 18.02 5.16 -3.91
CA MET A 106 19.13 5.89 -3.35
C MET A 106 18.63 7.11 -2.59
N TYR A 107 19.16 7.30 -1.38
CA TYR A 107 18.74 8.37 -0.49
C TYR A 107 19.97 8.96 0.21
N THR A 108 19.83 10.18 0.74
CA THR A 108 20.87 10.77 1.57
C THR A 108 20.66 10.32 3.01
N GLY A 109 21.70 9.68 3.58
CA GLY A 109 21.78 9.48 5.02
C GLY A 109 22.51 10.65 5.67
N PHE A 110 21.78 11.48 6.42
CA PHE A 110 22.34 12.66 7.07
C PHE A 110 22.71 12.32 8.51
N GLY A 111 24.01 12.30 8.80
CA GLY A 111 24.53 11.96 10.12
C GLY A 111 24.79 13.21 10.98
N ASP A 112 25.43 14.21 10.38
CA ASP A 112 25.77 15.48 11.02
C ASP A 112 26.65 15.28 12.26
N ARG A 113 27.54 14.28 12.21
CA ARG A 113 28.46 14.03 13.31
C ARG A 113 29.74 14.86 13.15
N PHE A 114 29.97 15.36 11.92
CA PHE A 114 31.15 16.13 11.57
C PHE A 114 30.83 16.86 10.27
N GLN A 115 31.77 17.69 9.79
CA GLN A 115 31.53 18.45 8.57
C GLN A 115 31.27 17.51 7.39
N ASP A 116 30.21 17.84 6.62
CA ASP A 116 29.86 17.15 5.38
C ASP A 116 29.52 15.69 5.66
N ASP A 117 28.90 15.41 6.82
CA ASP A 117 28.52 14.05 7.18
C ASP A 117 27.15 13.73 6.57
N TYR A 118 27.12 13.64 5.24
CA TYR A 118 25.96 13.14 4.51
C TYR A 118 26.46 12.24 3.39
N ARG A 119 25.79 11.10 3.19
CA ARG A 119 26.24 10.06 2.27
C ARG A 119 25.07 9.48 1.47
N ILE A 120 25.33 9.20 0.18
CA ILE A 120 24.40 8.43 -0.64
C ILE A 120 24.35 7.01 -0.09
N CYS A 121 23.13 6.55 0.22
CA CYS A 121 22.90 5.18 0.67
C CYS A 121 21.92 4.48 -0.26
N LEU A 122 21.91 3.15 -0.22
CA LEU A 122 21.06 2.34 -1.07
C LEU A 122 20.17 1.43 -0.21
N ALA A 123 18.90 1.31 -0.60
CA ALA A 123 18.01 0.29 -0.08
C ALA A 123 17.20 -0.34 -1.20
N THR A 124 16.82 -1.61 -1.02
CA THR A 124 16.07 -2.34 -2.03
C THR A 124 14.78 -2.89 -1.42
N SER A 125 13.79 -3.14 -2.31
CA SER A 125 12.50 -3.68 -1.93
C SER A 125 11.87 -4.39 -3.12
N LYS A 126 10.96 -5.31 -2.82
CA LYS A 126 10.10 -5.93 -3.83
C LYS A 126 8.70 -5.30 -3.82
N ASN A 127 8.37 -4.50 -2.79
CA ASN A 127 6.99 -4.11 -2.55
C ASN A 127 6.82 -2.64 -2.13
N LEU A 128 7.92 -1.90 -1.94
CA LEU A 128 7.91 -0.48 -1.61
C LEU A 128 7.59 -0.22 -0.13
N ILE A 129 7.35 -1.27 0.66
CA ILE A 129 6.97 -1.14 2.05
C ILE A 129 8.11 -1.62 2.95
N ASP A 130 8.62 -2.82 2.63
CA ASP A 130 9.69 -3.47 3.36
C ASP A 130 11.01 -3.20 2.66
N TRP A 131 11.88 -2.40 3.30
CA TRP A 131 13.13 -1.97 2.69
C TRP A 131 14.31 -2.64 3.39
N GLU A 132 15.29 -3.07 2.59
CA GLU A 132 16.52 -3.66 3.08
C GLU A 132 17.69 -2.72 2.75
N ARG A 133 18.38 -2.25 3.79
CA ARG A 133 19.53 -1.37 3.64
C ARG A 133 20.70 -2.12 3.01
N LYS A 134 21.38 -1.47 2.06
CA LYS A 134 22.58 -2.03 1.45
C LYS A 134 23.82 -1.25 1.86
N GLY A 135 23.64 -0.09 2.51
CA GLY A 135 24.76 0.67 3.03
C GLY A 135 25.13 1.85 2.13
N VAL A 136 26.24 2.50 2.48
CA VAL A 136 26.75 3.66 1.77
C VAL A 136 27.21 3.22 0.37
N VAL A 137 26.91 4.05 -0.64
CA VAL A 137 27.21 3.73 -2.02
C VAL A 137 28.60 4.29 -2.37
N LEU A 138 28.78 5.60 -2.14
CA LEU A 138 30.06 6.28 -2.30
C LEU A 138 30.43 6.89 -0.95
N ASP A 139 31.59 6.51 -0.39
CA ASP A 139 32.01 7.04 0.90
C ASP A 139 32.73 8.37 0.68
N GLU A 140 31.92 9.42 0.49
CA GLU A 140 32.37 10.78 0.25
C GLU A 140 31.16 11.69 0.36
N PRO A 141 31.34 13.01 0.68
CA PRO A 141 30.21 13.94 0.71
C PRO A 141 29.53 14.06 -0.65
N ASN A 142 28.27 13.63 -0.71
CA ASN A 142 27.59 13.46 -1.99
C ASN A 142 26.10 13.27 -1.73
N LYS A 143 25.30 13.57 -2.76
CA LYS A 143 23.85 13.47 -2.70
C LYS A 143 23.33 13.62 -4.13
N ASP A 144 22.00 13.75 -4.29
CA ASP A 144 21.39 13.93 -5.60
C ASP A 144 21.82 12.77 -6.50
N ALA A 145 21.47 11.55 -6.08
CA ALA A 145 21.94 10.34 -6.72
C ALA A 145 20.78 9.43 -7.11
N SER A 146 20.98 8.70 -8.22
CA SER A 146 20.05 7.67 -8.66
C SER A 146 20.74 6.73 -9.64
N LEU A 147 20.30 5.46 -9.66
CA LEU A 147 20.58 4.58 -10.79
C LEU A 147 19.82 5.07 -12.01
N PHE A 148 20.34 4.71 -13.19
CA PHE A 148 19.56 4.69 -14.42
C PHE A 148 18.57 3.51 -14.32
N PRO A 149 17.37 3.61 -14.94
CA PRO A 149 16.38 2.54 -14.85
C PRO A 149 16.69 1.25 -15.61
N GLU A 150 17.85 1.17 -16.27
CA GLU A 150 18.34 -0.10 -16.78
C GLU A 150 19.85 -0.07 -16.91
N LYS A 151 20.43 -1.28 -17.06
CA LYS A 151 21.85 -1.43 -17.32
C LYS A 151 22.14 -0.92 -18.73
N ILE A 152 23.34 -0.35 -18.90
CA ILE A 152 23.82 0.08 -20.21
C ILE A 152 25.10 -0.69 -20.51
N ASN A 153 25.09 -1.45 -21.61
CA ASN A 153 26.21 -2.25 -22.04
C ASN A 153 26.70 -3.13 -20.88
N GLY A 154 25.74 -3.74 -20.16
CA GLY A 154 26.04 -4.75 -19.14
C GLY A 154 26.34 -4.15 -17.77
N LYS A 155 26.21 -2.83 -17.60
CA LYS A 155 26.67 -2.17 -16.39
C LYS A 155 25.57 -1.33 -15.74
N TYR A 156 25.59 -1.28 -14.41
CA TYR A 156 24.82 -0.29 -13.67
C TYR A 156 25.46 1.08 -13.89
N VAL A 157 24.61 2.11 -13.97
CA VAL A 157 25.05 3.48 -14.16
C VAL A 157 24.34 4.34 -13.13
N MET A 158 25.07 5.27 -12.51
CA MET A 158 24.48 6.16 -11.52
C MET A 158 24.88 7.60 -11.81
N LEU A 159 23.98 8.52 -11.43
CA LEU A 159 24.29 9.94 -11.39
C LEU A 159 24.54 10.33 -9.94
N HIS A 160 25.46 11.29 -9.74
CA HIS A 160 25.76 11.81 -8.41
C HIS A 160 26.15 13.28 -8.54
N ARG A 161 26.58 13.90 -7.43
CA ARG A 161 26.78 15.34 -7.42
C ARG A 161 27.93 15.70 -6.49
N ARG A 162 29.16 15.58 -7.02
CA ARG A 162 30.33 16.17 -6.40
C ARG A 162 30.24 17.68 -6.60
N TYR A 163 30.00 18.40 -5.49
CA TYR A 163 29.57 19.79 -5.54
C TYR A 163 30.54 20.62 -6.37
N PRO A 164 30.07 21.49 -7.29
CA PRO A 164 28.65 21.70 -7.56
C PRO A 164 28.07 21.12 -8.86
N ASP A 165 28.67 20.02 -9.33
CA ASP A 165 28.41 19.51 -10.67
C ASP A 165 27.69 18.15 -10.60
N ILE A 166 26.93 17.82 -11.65
CA ILE A 166 26.39 16.49 -11.81
C ILE A 166 27.50 15.59 -12.38
N TRP A 167 27.65 14.39 -11.79
CA TRP A 167 28.63 13.41 -12.22
C TRP A 167 27.93 12.12 -12.60
N ILE A 168 28.67 11.26 -13.32
CA ILE A 168 28.21 9.92 -13.65
C ILE A 168 29.28 8.92 -13.21
N ALA A 169 28.86 7.67 -12.96
CA ALA A 169 29.80 6.58 -12.68
C ALA A 169 29.15 5.25 -13.04
N PHE A 170 29.97 4.20 -13.04
CA PHE A 170 29.57 2.88 -13.54
C PHE A 170 30.00 1.81 -12.54
N SER A 171 29.30 0.67 -12.56
CA SER A 171 29.58 -0.43 -11.65
C SER A 171 29.10 -1.75 -12.26
N ASP A 172 29.79 -2.84 -11.90
CA ASP A 172 29.39 -4.17 -12.31
C ASP A 172 28.38 -4.75 -11.32
N ASP A 173 28.44 -4.31 -10.05
CA ASP A 173 27.78 -5.03 -8.97
C ASP A 173 27.21 -4.10 -7.89
N LEU A 174 27.29 -2.78 -8.07
CA LEU A 174 26.76 -1.79 -7.14
C LEU A 174 27.69 -1.60 -5.93
N LYS A 175 28.78 -2.36 -5.84
CA LYS A 175 29.67 -2.30 -4.69
C LYS A 175 30.85 -1.35 -4.96
N ASN A 176 31.43 -1.45 -6.15
CA ASN A 176 32.56 -0.61 -6.52
C ASN A 176 32.22 0.17 -7.79
N TRP A 177 32.63 1.45 -7.82
CA TRP A 177 32.28 2.36 -8.88
C TRP A 177 33.53 2.87 -9.59
N TYR A 178 33.40 3.09 -10.90
CA TYR A 178 34.53 3.48 -11.74
C TYR A 178 34.03 4.37 -12.87
N ASP A 179 34.99 5.00 -13.56
CA ASP A 179 34.73 5.90 -14.68
C ASP A 179 33.92 7.11 -14.23
N HIS A 180 34.26 7.65 -13.06
CA HIS A 180 33.67 8.90 -12.59
C HIS A 180 34.03 10.02 -13.55
N LYS A 181 33.03 10.82 -13.96
CA LYS A 181 33.30 12.00 -14.75
C LYS A 181 32.14 12.99 -14.59
N PRO A 182 32.43 14.32 -14.61
CA PRO A 182 31.37 15.34 -14.57
C PRO A 182 30.67 15.41 -15.92
N ILE A 183 29.34 15.61 -15.91
CA ILE A 183 28.58 15.68 -17.15
C ILE A 183 27.82 17.00 -17.26
N LEU A 184 27.57 17.70 -16.15
CA LEU A 184 26.80 18.94 -16.20
C LEU A 184 27.25 19.90 -15.11
N LYS A 185 27.42 21.17 -15.48
CA LYS A 185 27.95 22.19 -14.57
C LYS A 185 27.02 23.40 -14.53
N PRO A 186 27.12 24.24 -13.47
CA PRO A 186 26.43 25.53 -13.45
C PRO A 186 26.91 26.44 -14.58
N ILE A 187 26.09 27.44 -14.91
CA ILE A 187 26.42 28.43 -15.92
C ILE A 187 26.37 29.81 -15.26
N PRO A 188 27.49 30.58 -15.27
CA PRO A 188 27.53 31.89 -14.60
C PRO A 188 26.52 32.90 -15.16
N ASN A 189 26.03 33.78 -14.28
CA ASN A 189 25.13 34.87 -14.63
C ASN A 189 23.86 34.33 -15.27
N THR A 190 23.35 33.21 -14.75
CA THR A 190 22.05 32.70 -15.13
C THR A 190 21.30 32.24 -13.87
N TRP A 191 20.08 31.75 -14.11
CA TRP A 191 19.26 31.11 -13.10
C TRP A 191 19.93 29.85 -12.54
N GLU A 192 20.92 29.31 -13.25
CA GLU A 192 21.56 28.05 -12.87
C GLU A 192 23.05 28.28 -12.59
N SER A 193 23.36 29.31 -11.78
CA SER A 193 24.74 29.76 -11.60
C SER A 193 25.43 29.10 -10.41
N ALA A 194 24.69 28.83 -9.32
CA ALA A 194 25.31 28.44 -8.06
C ALA A 194 25.65 26.94 -8.03
N ARG A 195 24.69 26.09 -8.46
CA ARG A 195 24.89 24.65 -8.38
C ARG A 195 23.83 23.93 -9.22
N VAL A 196 24.12 22.66 -9.56
CA VAL A 196 23.16 21.82 -10.24
C VAL A 196 23.14 20.45 -9.56
N GLY A 197 22.06 19.71 -9.85
CA GLY A 197 21.86 18.36 -9.35
C GLY A 197 20.67 17.72 -10.07
N ILE A 198 20.63 16.38 -10.13
CA ILE A 198 19.53 15.72 -10.81
C ILE A 198 18.22 16.00 -10.07
N GLY A 199 17.12 15.87 -10.81
CA GLY A 199 15.80 15.73 -10.23
C GLY A 199 15.52 14.27 -9.93
N GLY A 200 14.51 13.72 -10.61
CA GLY A 200 14.22 12.29 -10.53
C GLY A 200 15.16 11.49 -11.44
N PRO A 201 15.07 10.14 -11.42
CA PRO A 201 15.85 9.30 -12.33
C PRO A 201 15.59 9.67 -13.79
N PRO A 202 16.58 9.45 -14.70
CA PRO A 202 16.38 9.75 -16.12
C PRO A 202 15.37 8.79 -16.75
N ILE A 203 14.74 9.24 -17.85
CA ILE A 203 13.73 8.47 -18.54
C ILE A 203 14.20 8.19 -19.97
N LYS A 204 14.12 6.93 -20.37
CA LYS A 204 14.56 6.51 -21.70
C LYS A 204 13.55 6.98 -22.74
N THR A 205 14.06 7.67 -23.77
CA THR A 205 13.29 8.05 -24.95
C THR A 205 14.06 7.58 -26.18
N LYS A 206 13.42 7.64 -27.35
CA LYS A 206 14.01 7.13 -28.57
C LYS A 206 15.17 8.04 -28.99
N ASP A 207 15.14 9.32 -28.55
CA ASP A 207 16.15 10.30 -28.90
C ASP A 207 17.28 10.40 -27.87
N GLY A 208 17.16 9.72 -26.73
CA GLY A 208 18.15 9.85 -25.67
C GLY A 208 17.53 9.69 -24.28
N TRP A 209 18.37 9.85 -23.25
CA TRP A 209 17.91 9.86 -21.87
C TRP A 209 17.42 11.25 -21.52
N PHE A 210 16.12 11.37 -21.19
CA PHE A 210 15.55 12.62 -20.74
C PHE A 210 15.79 12.75 -19.23
N LEU A 211 16.52 13.80 -18.84
CA LEU A 211 16.89 14.02 -17.46
C LEU A 211 16.43 15.42 -17.04
N ILE A 212 15.57 15.46 -16.01
CA ILE A 212 15.24 16.69 -15.33
C ILE A 212 16.32 16.95 -14.28
N TYR A 213 16.78 18.21 -14.21
CA TYR A 213 17.74 18.60 -13.19
C TYR A 213 17.20 19.83 -12.46
N HIS A 214 17.78 20.12 -11.30
CA HIS A 214 17.50 21.36 -10.59
C HIS A 214 18.75 22.22 -10.58
N ALA A 215 18.55 23.52 -10.33
CA ALA A 215 19.64 24.46 -10.15
C ALA A 215 19.22 25.57 -9.19
N ALA A 216 20.21 26.19 -8.56
CA ALA A 216 20.01 27.37 -7.73
C ALA A 216 20.73 28.56 -8.34
N ASP A 217 20.13 29.75 -8.21
CA ASP A 217 20.74 30.99 -8.65
C ASP A 217 21.49 31.60 -7.47
N ASP A 218 21.97 32.84 -7.63
CA ASP A 218 22.83 33.46 -6.63
C ASP A 218 22.00 33.99 -5.45
N ASN A 219 20.67 33.84 -5.49
CA ASN A 219 19.82 34.11 -4.34
C ASN A 219 19.21 32.82 -3.76
N ASN A 220 19.70 31.66 -4.21
CA ASN A 220 19.25 30.37 -3.70
C ASN A 220 17.79 30.08 -4.08
N VAL A 221 17.33 30.64 -5.22
CA VAL A 221 16.06 30.24 -5.79
C VAL A 221 16.29 28.96 -6.60
N TYR A 222 15.48 27.94 -6.34
CA TYR A 222 15.61 26.64 -7.01
C TYR A 222 14.57 26.52 -8.12
N ARG A 223 15.03 26.09 -9.30
CA ARG A 223 14.19 25.83 -10.46
C ARG A 223 14.60 24.51 -11.10
N LEU A 224 13.72 23.98 -11.98
CA LEU A 224 14.02 22.76 -12.72
C LEU A 224 14.37 23.10 -14.16
N GLY A 225 15.23 22.26 -14.75
CA GLY A 225 15.60 22.35 -16.16
C GLY A 225 15.62 20.95 -16.78
N ALA A 226 16.01 20.86 -18.06
CA ALA A 226 15.99 19.59 -18.78
C ALA A 226 17.22 19.44 -19.67
N VAL A 227 17.72 18.20 -19.74
CA VAL A 227 18.82 17.83 -20.64
C VAL A 227 18.46 16.52 -21.32
N LEU A 228 19.13 16.26 -22.45
CA LEU A 228 19.04 15.00 -23.16
C LEU A 228 20.44 14.40 -23.26
N LEU A 229 20.58 13.12 -22.86
CA LEU A 229 21.87 12.44 -22.87
C LEU A 229 21.83 11.35 -23.96
N ASP A 230 23.01 11.04 -24.53
CA ASP A 230 23.14 9.99 -25.52
C ASP A 230 22.81 8.64 -24.88
N LEU A 231 22.14 7.77 -25.65
CA LEU A 231 21.60 6.52 -25.14
C LEU A 231 22.71 5.58 -24.67
N GLU A 232 23.76 5.41 -25.48
CA GLU A 232 24.76 4.39 -25.24
C GLU A 232 25.92 4.95 -24.41
N ASP A 233 26.16 6.25 -24.50
CA ASP A 233 27.14 6.93 -23.67
C ASP A 233 26.47 8.12 -22.97
N PRO A 234 25.78 7.90 -21.84
CA PRO A 234 25.08 8.99 -21.15
C PRO A 234 25.98 10.09 -20.57
N SER A 235 27.30 9.97 -20.71
CA SER A 235 28.22 11.04 -20.33
C SER A 235 28.20 12.16 -21.39
N LYS A 236 27.62 11.87 -22.56
CA LYS A 236 27.56 12.82 -23.66
C LYS A 236 26.21 13.55 -23.63
N VAL A 237 26.27 14.89 -23.52
CA VAL A 237 25.08 15.73 -23.52
C VAL A 237 24.74 16.10 -24.96
N ILE A 238 23.56 15.67 -25.42
CA ILE A 238 23.08 15.99 -26.75
C ILE A 238 22.49 17.40 -26.77
N ALA A 239 21.68 17.73 -25.76
CA ALA A 239 21.02 19.03 -25.71
C ALA A 239 20.75 19.42 -24.26
N ARG A 240 20.73 20.74 -24.04
CA ARG A 240 20.42 21.32 -22.75
C ARG A 240 19.58 22.56 -22.98
N GLN A 241 18.35 22.56 -22.45
CA GLN A 241 17.47 23.70 -22.63
C GLN A 241 18.00 24.86 -21.79
N LYS A 242 17.96 26.05 -22.39
CA LYS A 242 18.51 27.26 -21.80
C LYS A 242 17.63 27.76 -20.65
N GLU A 243 16.31 27.71 -20.86
CA GLU A 243 15.35 28.25 -19.90
C GLU A 243 14.85 27.13 -18.97
N PRO A 244 14.38 27.48 -17.76
CA PRO A 244 13.81 26.47 -16.85
C PRO A 244 12.50 25.88 -17.37
N ILE A 245 12.19 24.66 -16.92
CA ILE A 245 10.93 24.00 -17.26
C ILE A 245 9.90 24.23 -16.15
N LEU A 246 10.36 24.67 -14.96
CA LEU A 246 9.48 24.91 -13.82
C LEU A 246 10.17 25.87 -12.86
N GLU A 247 9.39 26.81 -12.32
CA GLU A 247 9.90 27.80 -11.37
C GLU A 247 8.86 28.02 -10.26
N PRO A 248 9.27 28.52 -9.07
CA PRO A 248 8.32 28.87 -8.02
C PRO A 248 7.40 30.01 -8.46
N GLU A 249 6.08 29.74 -8.46
CA GLU A 249 5.09 30.71 -8.92
C GLU A 249 3.95 30.82 -7.90
N LEU A 250 3.38 29.67 -7.47
CA LEU A 250 2.27 29.66 -6.54
C LEU A 250 2.77 29.97 -5.13
N GLY A 251 1.83 30.36 -4.26
CA GLY A 251 2.14 30.77 -2.90
C GLY A 251 2.87 29.69 -2.11
N TRP A 252 2.50 28.42 -2.32
CA TRP A 252 3.08 27.31 -1.56
C TRP A 252 4.38 26.82 -2.20
N GLU A 253 4.77 27.39 -3.34
CA GLU A 253 6.08 27.19 -3.92
C GLU A 253 7.04 28.30 -3.46
N LYS A 254 6.52 29.51 -3.28
CA LYS A 254 7.34 30.67 -2.96
C LYS A 254 7.55 30.80 -1.45
N GLU A 255 6.53 30.39 -0.66
CA GLU A 255 6.56 30.59 0.77
C GLU A 255 6.38 29.27 1.50
N GLY A 256 7.10 29.14 2.61
CA GLY A 256 7.22 27.90 3.36
C GLY A 256 8.49 27.95 4.23
N TYR A 257 8.97 26.79 4.67
CA TYR A 257 10.13 26.73 5.53
C TYR A 257 11.38 27.21 4.78
N ILE A 258 11.50 26.86 3.49
CA ILE A 258 12.60 27.31 2.65
C ILE A 258 11.99 28.06 1.46
N PRO A 259 12.10 29.41 1.39
CA PRO A 259 11.45 30.17 0.32
C PRO A 259 11.96 29.86 -1.09
N ASN A 260 11.04 29.95 -2.06
CA ASN A 260 11.36 29.96 -3.48
C ASN A 260 12.08 28.68 -3.89
N VAL A 261 11.43 27.53 -3.68
CA VAL A 261 11.98 26.23 -4.06
C VAL A 261 10.91 25.43 -4.80
N VAL A 262 11.30 24.91 -5.97
CA VAL A 262 10.70 23.70 -6.53
C VAL A 262 11.84 22.70 -6.70
N PHE A 263 11.61 21.45 -6.28
CA PHE A 263 12.66 20.45 -6.21
C PHE A 263 12.06 19.06 -6.39
N SER A 264 12.53 18.33 -7.41
CA SER A 264 11.97 17.03 -7.76
C SER A 264 12.96 15.91 -7.45
N CYS A 265 12.44 14.79 -6.94
CA CYS A 265 13.19 13.55 -6.81
C CYS A 265 12.45 12.38 -7.49
N GLY A 266 11.43 12.70 -8.29
CA GLY A 266 10.53 11.68 -8.79
C GLY A 266 9.76 12.12 -10.05
N ASN A 267 9.76 11.24 -11.05
CA ASN A 267 8.98 11.43 -12.26
C ASN A 267 8.42 10.08 -12.71
N ALA A 268 7.12 9.88 -12.45
CA ALA A 268 6.42 8.66 -12.82
C ALA A 268 5.87 8.77 -14.24
N VAL A 269 5.72 7.63 -14.93
CA VAL A 269 5.27 7.62 -16.30
C VAL A 269 4.04 6.72 -16.44
N LYS A 270 2.99 7.27 -17.05
CA LYS A 270 1.80 6.50 -17.38
C LYS A 270 1.31 6.89 -18.78
N ASP A 271 1.27 5.91 -19.69
CA ASP A 271 0.75 6.11 -21.04
C ASP A 271 1.35 7.35 -21.68
N ASP A 272 2.68 7.44 -21.69
CA ASP A 272 3.41 8.48 -22.40
C ASP A 272 3.19 9.87 -21.80
N THR A 273 2.73 9.94 -20.54
CA THR A 273 2.71 11.20 -19.81
C THR A 273 3.61 11.07 -18.59
N ILE A 274 4.51 12.05 -18.42
CA ILE A 274 5.41 12.10 -17.29
C ILE A 274 4.75 12.94 -16.19
N TYR A 275 4.64 12.37 -14.99
CA TYR A 275 4.14 13.05 -13.82
C TYR A 275 5.32 13.42 -12.94
N VAL A 276 5.67 14.71 -12.91
CA VAL A 276 6.81 15.20 -12.15
C VAL A 276 6.31 15.67 -10.79
N TYR A 277 6.65 14.92 -9.74
CA TYR A 277 6.34 15.33 -8.37
C TYR A 277 7.49 16.18 -7.84
N TYR A 278 7.15 17.21 -7.07
CA TYR A 278 8.15 18.15 -6.61
C TYR A 278 7.74 18.73 -5.25
N GLY A 279 8.77 18.99 -4.43
CA GLY A 279 8.61 19.74 -3.20
C GLY A 279 8.42 21.23 -3.49
N GLY A 280 7.50 21.85 -2.76
CA GLY A 280 7.32 23.30 -2.79
C GLY A 280 7.76 23.90 -1.46
N ALA A 281 8.80 24.75 -1.51
CA ALA A 281 9.31 25.47 -0.35
C ALA A 281 9.76 24.51 0.76
N ASP A 282 10.18 23.30 0.38
CA ASP A 282 10.55 22.24 1.32
C ASP A 282 9.45 22.03 2.36
N THR A 283 8.18 22.17 1.97
CA THR A 283 7.07 22.10 2.92
C THR A 283 5.96 21.16 2.42
N VAL A 284 5.64 21.19 1.11
CA VAL A 284 4.53 20.43 0.56
C VAL A 284 4.96 19.80 -0.76
N ILE A 285 4.08 18.96 -1.34
CA ILE A 285 4.34 18.29 -2.61
C ILE A 285 3.28 18.67 -3.63
N GLY A 286 3.73 19.03 -4.84
CA GLY A 286 2.86 19.27 -5.98
C GLY A 286 3.20 18.33 -7.14
N VAL A 287 2.44 18.43 -8.23
CA VAL A 287 2.66 17.61 -9.41
C VAL A 287 2.45 18.46 -10.67
N ALA A 288 3.28 18.21 -11.69
CA ALA A 288 3.15 18.83 -13.00
C ALA A 288 3.50 17.80 -14.06
N ILE A 289 2.93 17.93 -15.26
CA ILE A 289 3.06 16.90 -16.27
C ILE A 289 3.82 17.40 -17.50
N LEU A 290 4.29 16.42 -18.28
CA LEU A 290 4.88 16.63 -19.58
C LEU A 290 4.59 15.40 -20.44
N GLU A 291 3.96 15.62 -21.60
CA GLU A 291 3.72 14.53 -22.53
C GLU A 291 5.02 14.25 -23.29
N MET A 292 5.30 12.97 -23.51
CA MET A 292 6.55 12.55 -24.14
C MET A 292 6.73 13.25 -25.48
N LYS A 293 5.62 13.43 -26.23
CA LYS A 293 5.66 14.00 -27.56
C LYS A 293 6.13 15.47 -27.50
N ASP A 294 6.07 16.10 -26.32
CA ASP A 294 6.43 17.50 -26.17
C ASP A 294 7.88 17.67 -25.73
N ILE A 295 8.64 16.57 -25.67
CA ILE A 295 10.08 16.63 -25.39
C ILE A 295 10.80 17.04 -26.68
N LYS A 296 11.07 18.34 -26.82
CA LYS A 296 11.70 18.90 -28.00
C LYS A 296 12.71 19.98 -27.59
N PHE A 297 13.94 19.86 -28.12
CA PHE A 297 15.01 20.81 -27.83
C PHE A 297 15.34 21.59 -29.11
N HIS A 298 15.55 22.91 -28.95
CA HIS A 298 15.53 23.85 -30.08
C HIS A 298 16.76 23.66 -30.97
N HIS A 299 16.50 23.23 -32.22
CA HIS A 299 17.54 23.05 -33.23
C HIS A 299 17.96 24.41 -33.77
N GLY B 2 -7.70 -31.58 20.21
CA GLY B 2 -8.03 -31.16 18.84
C GLY B 2 -7.40 -29.81 18.49
N ILE B 3 -7.92 -29.18 17.44
CA ILE B 3 -7.37 -27.95 16.88
C ILE B 3 -7.76 -26.77 17.77
N LYS B 4 -6.74 -25.99 18.20
CA LYS B 4 -6.93 -24.73 18.90
C LYS B 4 -6.07 -23.66 18.22
N LEU B 5 -6.67 -22.50 17.92
CA LEU B 5 -5.92 -21.34 17.43
C LEU B 5 -5.16 -20.72 18.59
N LYS B 6 -3.96 -20.20 18.33
CA LYS B 6 -3.10 -19.60 19.36
C LYS B 6 -2.96 -18.11 19.08
N ARG B 7 -3.44 -17.27 20.03
CA ARG B 7 -3.35 -15.82 19.90
C ARG B 7 -1.88 -15.40 19.88
N LEU B 8 -1.54 -14.48 18.95
CA LEU B 8 -0.18 -13.97 18.82
C LEU B 8 0.06 -12.84 19.82
N SER B 9 -1.03 -12.25 20.31
CA SER B 9 -0.94 -11.06 21.15
C SER B 9 -2.16 -11.02 22.08
N ASP B 10 -1.99 -10.43 23.25
CA ASP B 10 -3.11 -10.24 24.17
C ASP B 10 -3.77 -8.88 23.90
N LYS B 11 -3.25 -8.14 22.92
CA LYS B 11 -3.84 -6.88 22.48
C LYS B 11 -4.30 -7.01 21.04
N PRO B 12 -5.28 -6.17 20.59
CA PRO B 12 -5.69 -6.15 19.19
C PRO B 12 -4.56 -5.70 18.27
N VAL B 13 -4.61 -6.16 17.01
CA VAL B 13 -3.63 -5.75 16.01
C VAL B 13 -4.16 -4.56 15.22
N LEU B 14 -5.46 -4.26 15.31
CA LEU B 14 -6.00 -3.05 14.73
C LEU B 14 -7.21 -2.59 15.53
N MET B 15 -7.31 -1.26 15.71
CA MET B 15 -8.34 -0.65 16.54
C MET B 15 -8.91 0.55 15.82
N PRO B 16 -10.13 1.03 16.18
CA PRO B 16 -10.71 2.21 15.55
C PRO B 16 -9.83 3.44 15.76
N LYS B 17 -10.00 4.42 14.86
CA LYS B 17 -9.20 5.62 14.88
C LYS B 17 -10.14 6.83 14.89
N ALA B 18 -10.30 7.45 16.06
CA ALA B 18 -11.39 8.38 16.30
C ALA B 18 -11.32 9.60 15.39
N GLU B 19 -10.12 9.94 14.89
CA GLU B 19 -9.93 11.14 14.09
C GLU B 19 -10.44 10.98 12.66
N ASN B 20 -10.69 9.73 12.20
CA ASN B 20 -11.26 9.50 10.89
C ASN B 20 -12.70 9.00 11.04
N GLU B 21 -13.67 9.77 10.52
CA GLU B 21 -15.08 9.49 10.71
C GLU B 21 -15.41 8.07 10.25
N TRP B 22 -14.85 7.65 9.10
CA TRP B 22 -15.27 6.41 8.47
C TRP B 22 -14.87 5.18 9.30
N GLU B 23 -13.90 5.33 10.21
CA GLU B 23 -13.44 4.21 11.01
C GLU B 23 -13.34 4.62 12.49
N ARG B 24 -14.22 5.53 12.91
CA ARG B 24 -14.13 6.15 14.22
C ARG B 24 -14.50 5.18 15.34
N ALA B 25 -15.46 4.27 15.09
CA ALA B 25 -16.08 3.52 16.15
C ALA B 25 -15.61 2.06 16.19
N ALA B 26 -15.43 1.42 15.04
CA ALA B 26 -15.13 -0.01 15.02
C ALA B 26 -14.38 -0.41 13.76
N VAL B 27 -13.44 -1.35 13.92
CA VAL B 27 -12.80 -2.04 12.82
C VAL B 27 -12.84 -3.53 13.13
N PHE B 28 -13.33 -4.34 12.18
CA PHE B 28 -13.61 -5.75 12.45
C PHE B 28 -13.79 -6.52 11.14
N ASN B 29 -13.97 -7.84 11.28
CA ASN B 29 -14.41 -8.72 10.21
C ASN B 29 -13.65 -8.41 8.92
N THR B 30 -12.35 -8.68 8.95
CA THR B 30 -11.44 -8.24 7.88
C THR B 30 -11.09 -9.42 6.97
N ALA B 31 -10.95 -9.12 5.67
CA ALA B 31 -10.29 -10.00 4.75
C ALA B 31 -8.79 -9.95 5.01
N ALA B 32 -8.07 -11.01 4.63
CA ALA B 32 -6.64 -11.09 4.84
C ALA B 32 -5.99 -11.95 3.77
N ILE B 33 -4.81 -11.52 3.29
CA ILE B 33 -4.07 -12.29 2.30
C ILE B 33 -2.59 -11.95 2.39
N TYR B 34 -1.75 -12.98 2.23
CA TYR B 34 -0.31 -12.81 2.15
C TYR B 34 0.08 -12.73 0.68
N ASP B 35 0.75 -11.63 0.30
CA ASP B 35 1.18 -11.44 -1.08
C ASP B 35 2.41 -10.53 -1.14
N ASN B 36 3.38 -10.96 -1.95
CA ASN B 36 4.58 -10.18 -2.27
C ASN B 36 5.30 -9.75 -0.99
N GLY B 37 5.41 -10.69 -0.03
CA GLY B 37 6.20 -10.48 1.17
C GLY B 37 5.46 -9.76 2.29
N LEU B 38 4.15 -9.52 2.13
CA LEU B 38 3.40 -8.72 3.10
C LEU B 38 2.03 -9.35 3.39
N PHE B 39 1.57 -9.14 4.64
CA PHE B 39 0.20 -9.38 5.02
C PHE B 39 -0.64 -8.14 4.68
N HIS B 40 -1.77 -8.35 4.01
CA HIS B 40 -2.69 -7.28 3.64
C HIS B 40 -4.06 -7.54 4.28
N LEU B 41 -4.65 -6.49 4.87
CA LEU B 41 -5.98 -6.54 5.43
C LEU B 41 -6.90 -5.62 4.63
N ILE B 42 -8.10 -6.10 4.29
CA ILE B 42 -9.19 -5.24 3.86
C ILE B 42 -10.27 -5.31 4.94
N TYR B 43 -10.36 -4.26 5.76
CA TYR B 43 -11.10 -4.35 7.01
C TYR B 43 -12.41 -3.58 6.91
N ARG B 44 -13.45 -4.15 7.53
CA ARG B 44 -14.73 -3.47 7.72
C ARG B 44 -14.57 -2.42 8.81
N ALA B 45 -15.12 -1.23 8.59
CA ALA B 45 -15.04 -0.12 9.53
C ALA B 45 -16.36 0.63 9.56
N THR B 46 -16.79 1.06 10.76
CA THR B 46 -18.03 1.84 10.89
C THR B 46 -17.75 3.18 11.59
N ASP B 47 -18.59 4.16 11.25
CA ASP B 47 -18.53 5.51 11.77
C ASP B 47 -19.14 5.60 13.16
N ILE B 48 -20.07 4.68 13.47
CA ILE B 48 -20.67 4.59 14.79
C ILE B 48 -20.80 3.11 15.14
N GLY B 49 -21.10 2.83 16.42
CA GLY B 49 -21.23 1.46 16.89
C GLY B 49 -22.14 0.66 15.95
N PRO B 50 -21.72 -0.55 15.50
CA PRO B 50 -22.49 -1.31 14.53
C PRO B 50 -23.71 -2.05 15.11
N HIS B 51 -24.69 -1.26 15.57
CA HIS B 51 -25.96 -1.78 16.03
C HIS B 51 -27.01 -0.70 15.82
N ALA B 52 -28.23 -1.14 15.48
CA ALA B 52 -29.32 -0.23 15.13
C ALA B 52 -29.66 0.71 16.28
N LYS B 53 -29.35 0.32 17.53
CA LYS B 53 -29.67 1.14 18.68
C LYS B 53 -28.78 2.39 18.74
N TYR B 54 -27.66 2.39 18.01
CA TYR B 54 -26.78 3.56 17.96
C TYR B 54 -27.16 4.49 16.83
N GLY B 55 -27.81 3.96 15.79
CA GLY B 55 -28.22 4.73 14.63
C GLY B 55 -27.91 3.97 13.33
N LYS B 56 -27.95 4.70 12.22
CA LYS B 56 -27.77 4.12 10.89
C LYS B 56 -26.28 4.06 10.56
N TYR B 57 -25.56 3.12 11.20
CA TYR B 57 -24.14 2.93 10.95
C TYR B 57 -23.90 2.61 9.48
N ILE B 58 -22.76 3.09 8.96
CA ILE B 58 -22.32 2.81 7.61
C ILE B 58 -20.97 2.09 7.64
N SER B 59 -20.88 0.95 6.95
CA SER B 59 -19.66 0.17 6.87
C SER B 59 -18.89 0.54 5.60
N ARG B 60 -17.58 0.79 5.75
CA ARG B 60 -16.68 1.01 4.62
C ARG B 60 -15.46 0.11 4.78
N LEU B 61 -14.66 -0.03 3.71
CA LEU B 61 -13.56 -0.98 3.68
C LEU B 61 -12.23 -0.24 3.66
N GLY B 62 -11.37 -0.54 4.64
CA GLY B 62 -10.05 0.06 4.74
C GLY B 62 -8.95 -0.90 4.33
N TYR B 63 -7.72 -0.39 4.18
CA TYR B 63 -6.54 -1.17 3.83
C TYR B 63 -5.47 -1.00 4.90
N ALA B 64 -4.88 -2.13 5.33
CA ALA B 64 -3.74 -2.14 6.23
C ALA B 64 -2.72 -3.16 5.76
N VAL B 65 -1.44 -2.96 6.13
CA VAL B 65 -0.34 -3.79 5.64
C VAL B 65 0.70 -4.00 6.75
N SER B 66 1.35 -5.16 6.73
CA SER B 66 2.29 -5.55 7.77
C SER B 66 3.33 -6.53 7.21
N LYS B 67 4.56 -6.43 7.73
CA LYS B 67 5.64 -7.35 7.40
C LYS B 67 5.53 -8.63 8.23
N ASP B 68 5.10 -8.48 9.49
CA ASP B 68 5.21 -9.54 10.47
C ASP B 68 3.85 -10.14 10.83
N GLY B 69 2.76 -9.48 10.42
CA GLY B 69 1.42 -10.01 10.64
C GLY B 69 0.82 -9.57 11.97
N ILE B 70 1.54 -8.72 12.71
CA ILE B 70 1.12 -8.27 14.04
C ILE B 70 1.03 -6.76 14.06
N ASN B 71 2.08 -6.09 13.55
CA ASN B 71 2.19 -4.64 13.56
C ASN B 71 1.82 -4.09 12.19
N PHE B 72 0.74 -3.29 12.15
CA PHE B 72 0.16 -2.85 10.88
C PHE B 72 0.32 -1.34 10.70
N MET B 73 0.50 -0.98 9.43
CA MET B 73 0.32 0.37 8.93
C MET B 73 -0.99 0.41 8.16
N ARG B 74 -1.63 1.60 8.12
CA ARG B 74 -2.97 1.71 7.58
C ARG B 74 -3.10 3.00 6.77
N LEU B 75 -3.91 2.92 5.69
CA LEU B 75 -4.20 4.07 4.86
C LEU B 75 -5.28 4.92 5.52
N ASP B 76 -5.30 6.20 5.18
CA ASP B 76 -6.10 7.20 5.87
C ASP B 76 -7.53 7.24 5.33
N LYS B 77 -7.75 6.64 4.14
CA LYS B 77 -9.06 6.66 3.50
C LYS B 77 -9.46 5.24 3.10
N PRO B 78 -10.78 4.96 3.00
CA PRO B 78 -11.27 3.64 2.61
C PRO B 78 -10.98 3.37 1.14
N VAL B 79 -10.67 2.10 0.82
CA VAL B 79 -10.42 1.70 -0.55
C VAL B 79 -11.73 1.42 -1.28
N MET B 80 -12.79 1.11 -0.53
CA MET B 80 -14.15 1.09 -1.07
C MET B 80 -15.10 1.78 -0.09
N SER B 81 -16.00 2.59 -0.65
CA SER B 81 -16.97 3.35 0.12
C SER B 81 -18.39 3.05 -0.40
N ASN B 82 -19.40 3.52 0.35
CA ASN B 82 -20.80 3.31 0.00
C ASN B 82 -21.14 4.12 -1.25
N GLU B 83 -21.42 3.42 -2.36
CA GLU B 83 -21.58 4.09 -3.65
C GLU B 83 -22.91 3.76 -4.32
N THR B 84 -23.38 2.50 -4.20
CA THR B 84 -24.59 2.07 -4.89
C THR B 84 -25.76 2.05 -3.91
N GLU B 85 -26.96 1.79 -4.45
CA GLU B 85 -28.19 1.67 -3.68
C GLU B 85 -28.15 0.40 -2.83
N GLN B 86 -27.53 -0.67 -3.36
CA GLN B 86 -27.37 -1.90 -2.62
C GLN B 86 -26.40 -1.72 -1.45
N GLU B 87 -25.60 -0.65 -1.50
CA GLU B 87 -24.63 -0.33 -0.47
C GLU B 87 -25.02 0.92 0.34
N LEU B 88 -26.32 1.21 0.46
CA LEU B 88 -26.75 2.41 1.16
C LEU B 88 -26.15 2.45 2.57
N ARG B 89 -26.13 1.30 3.26
CA ARG B 89 -25.58 1.20 4.60
C ARG B 89 -24.18 0.60 4.57
N GLY B 90 -23.60 0.42 3.38
CA GLY B 90 -22.18 0.16 3.23
C GLY B 90 -21.85 -1.27 2.83
N LEU B 91 -20.57 -1.62 3.03
CA LEU B 91 -19.97 -2.88 2.58
C LEU B 91 -19.42 -3.61 3.80
N GLU B 92 -19.68 -4.92 3.90
CA GLU B 92 -19.39 -5.66 5.12
C GLU B 92 -18.68 -6.97 4.81
N ASP B 93 -17.84 -7.40 5.76
CA ASP B 93 -17.41 -8.79 5.91
C ASP B 93 -16.82 -9.32 4.60
N PRO B 94 -15.78 -8.66 4.04
CA PRO B 94 -15.18 -9.11 2.78
C PRO B 94 -14.37 -10.39 2.95
N ARG B 95 -14.41 -11.25 1.92
CA ARG B 95 -13.53 -12.40 1.79
C ARG B 95 -12.81 -12.32 0.45
N ILE B 96 -11.47 -12.51 0.46
CA ILE B 96 -10.67 -12.33 -0.74
C ILE B 96 -9.89 -13.60 -1.05
N VAL B 97 -9.85 -13.96 -2.33
CA VAL B 97 -8.89 -14.92 -2.85
C VAL B 97 -8.25 -14.33 -4.10
N LYS B 98 -7.09 -14.88 -4.47
CA LYS B 98 -6.36 -14.43 -5.65
C LYS B 98 -6.28 -15.59 -6.64
N ILE B 99 -6.79 -15.38 -7.86
CA ILE B 99 -6.74 -16.40 -8.90
C ILE B 99 -6.16 -15.76 -10.17
N ASP B 100 -5.02 -16.31 -10.62
CA ASP B 100 -4.37 -15.90 -11.86
C ASP B 100 -4.19 -14.39 -11.92
N GLY B 101 -3.62 -13.81 -10.86
CA GLY B 101 -3.23 -12.41 -10.86
C GLY B 101 -4.37 -11.45 -10.52
N ILE B 102 -5.56 -11.96 -10.19
CA ILE B 102 -6.70 -11.10 -9.91
C ILE B 102 -7.28 -11.46 -8.54
N TYR B 103 -7.54 -10.42 -7.74
CA TYR B 103 -8.17 -10.58 -6.43
C TYR B 103 -9.69 -10.52 -6.60
N TYR B 104 -10.38 -11.54 -6.06
CA TYR B 104 -11.83 -11.61 -6.08
C TYR B 104 -12.33 -11.44 -4.65
N MET B 105 -13.04 -10.33 -4.41
CA MET B 105 -13.59 -10.00 -3.10
C MET B 105 -15.10 -10.14 -3.13
N MET B 106 -15.64 -10.99 -2.27
CA MET B 106 -17.07 -11.02 -2.04
C MET B 106 -17.37 -10.33 -0.70
N TYR B 107 -18.37 -9.44 -0.73
CA TYR B 107 -18.76 -8.65 0.43
C TYR B 107 -20.28 -8.55 0.49
N THR B 108 -20.81 -8.22 1.67
CA THR B 108 -22.23 -7.94 1.82
C THR B 108 -22.48 -6.47 1.49
N GLY B 109 -23.34 -6.23 0.50
CA GLY B 109 -23.92 -4.91 0.29
C GLY B 109 -25.22 -4.77 1.09
N PHE B 110 -25.20 -3.94 2.14
CA PHE B 110 -26.36 -3.76 3.01
C PHE B 110 -27.12 -2.52 2.56
N GLY B 111 -28.33 -2.72 2.03
CA GLY B 111 -29.16 -1.64 1.53
C GLY B 111 -30.18 -1.16 2.57
N ASP B 112 -30.84 -2.11 3.23
CA ASP B 112 -31.85 -1.85 4.27
C ASP B 112 -33.00 -1.00 3.74
N ARG B 113 -33.38 -1.18 2.47
CA ARG B 113 -34.51 -0.48 1.89
C ARG B 113 -35.82 -1.22 2.15
N PHE B 114 -35.71 -2.51 2.49
CA PHE B 114 -36.84 -3.38 2.71
C PHE B 114 -36.33 -4.59 3.49
N GLN B 115 -37.22 -5.50 3.86
CA GLN B 115 -36.85 -6.68 4.63
C GLN B 115 -35.80 -7.50 3.89
N ASP B 116 -34.75 -7.89 4.62
CA ASP B 116 -33.69 -8.76 4.12
C ASP B 116 -32.98 -8.15 2.92
N ASP B 117 -32.81 -6.82 2.92
CA ASP B 117 -32.13 -6.13 1.83
C ASP B 117 -30.62 -6.14 2.07
N TYR B 118 -30.03 -7.33 2.01
CA TYR B 118 -28.58 -7.49 2.01
C TYR B 118 -28.23 -8.56 0.97
N ARG B 119 -27.16 -8.31 0.19
CA ARG B 119 -26.80 -9.15 -0.94
C ARG B 119 -25.30 -9.36 -1.01
N ILE B 120 -24.89 -10.57 -1.39
CA ILE B 120 -23.51 -10.88 -1.73
C ILE B 120 -23.16 -10.13 -3.02
N CYS B 121 -22.09 -9.33 -2.97
CA CYS B 121 -21.60 -8.59 -4.13
C CYS B 121 -20.14 -8.97 -4.39
N LEU B 122 -19.68 -8.70 -5.62
CA LEU B 122 -18.33 -9.05 -6.05
C LEU B 122 -17.60 -7.79 -6.53
N ALA B 123 -16.32 -7.67 -6.15
CA ALA B 123 -15.43 -6.69 -6.73
C ALA B 123 -14.07 -7.34 -7.00
N THR B 124 -13.36 -6.82 -8.02
CA THR B 124 -12.07 -7.36 -8.41
C THR B 124 -11.02 -6.25 -8.40
N SER B 125 -9.76 -6.66 -8.24
CA SER B 125 -8.62 -5.77 -8.24
C SER B 125 -7.36 -6.52 -8.66
N LYS B 126 -6.37 -5.76 -9.15
CA LYS B 126 -5.03 -6.28 -9.38
C LYS B 126 -4.07 -5.86 -8.26
N ASN B 127 -4.49 -4.92 -7.39
CA ASN B 127 -3.55 -4.27 -6.49
C ASN B 127 -4.10 -4.04 -5.07
N LEU B 128 -5.37 -4.40 -4.82
CA LEU B 128 -6.01 -4.32 -3.50
C LEU B 128 -6.41 -2.90 -3.13
N ILE B 129 -6.15 -1.91 -4.00
CA ILE B 129 -6.43 -0.51 -3.72
C ILE B 129 -7.57 -0.03 -4.61
N ASP B 130 -7.45 -0.30 -5.91
CA ASP B 130 -8.40 0.09 -6.93
C ASP B 130 -9.34 -1.09 -7.20
N TRP B 131 -10.61 -0.94 -6.80
CA TRP B 131 -11.59 -2.01 -6.92
C TRP B 131 -12.62 -1.70 -7.99
N GLU B 132 -12.98 -2.73 -8.77
CA GLU B 132 -14.01 -2.63 -9.79
C GLU B 132 -15.19 -3.50 -9.36
N ARG B 133 -16.36 -2.87 -9.19
CA ARG B 133 -17.59 -3.56 -8.82
C ARG B 133 -18.07 -4.44 -9.97
N LYS B 134 -18.48 -5.68 -9.66
CA LYS B 134 -19.04 -6.59 -10.65
C LYS B 134 -20.54 -6.81 -10.42
N GLY B 135 -21.06 -6.35 -9.28
CA GLY B 135 -22.49 -6.39 -9.01
C GLY B 135 -22.87 -7.54 -8.08
N VAL B 136 -24.18 -7.73 -7.92
CA VAL B 136 -24.73 -8.76 -7.05
C VAL B 136 -24.40 -10.14 -7.63
N VAL B 137 -24.04 -11.07 -6.75
CA VAL B 137 -23.64 -12.41 -7.16
C VAL B 137 -24.86 -13.32 -7.19
N LEU B 138 -25.57 -13.39 -6.05
CA LEU B 138 -26.83 -14.11 -5.93
C LEU B 138 -27.90 -13.10 -5.51
N ASP B 139 -28.97 -12.97 -6.31
CA ASP B 139 -30.02 -12.02 -5.99
C ASP B 139 -31.03 -12.70 -5.06
N GLU B 140 -30.64 -12.76 -3.78
CA GLU B 140 -31.41 -13.38 -2.71
C GLU B 140 -30.77 -12.98 -1.39
N PRO B 141 -31.52 -12.98 -0.25
CA PRO B 141 -30.92 -12.67 1.05
C PRO B 141 -29.85 -13.69 1.43
N ASN B 142 -28.60 -13.22 1.53
CA ASN B 142 -27.46 -14.11 1.65
C ASN B 142 -26.23 -13.30 2.05
N LYS B 143 -25.25 -13.98 2.65
CA LYS B 143 -24.02 -13.39 3.11
C LYS B 143 -23.06 -14.52 3.45
N ASP B 144 -21.92 -14.21 4.08
CA ASP B 144 -20.95 -15.21 4.49
C ASP B 144 -20.53 -16.01 3.25
N ALA B 145 -19.97 -15.29 2.27
CA ALA B 145 -19.68 -15.87 0.96
C ALA B 145 -18.22 -15.64 0.56
N SER B 146 -17.68 -16.60 -0.20
CA SER B 146 -16.36 -16.50 -0.80
C SER B 146 -16.22 -17.50 -1.94
N LEU B 147 -15.38 -17.16 -2.93
CA LEU B 147 -14.85 -18.15 -3.85
C LEU B 147 -13.90 -19.07 -3.10
N PHE B 148 -13.74 -20.29 -3.64
CA PHE B 148 -12.59 -21.13 -3.36
C PHE B 148 -11.37 -20.50 -4.05
N PRO B 149 -10.15 -20.66 -3.48
CA PRO B 149 -8.95 -20.05 -4.09
C PRO B 149 -8.45 -20.64 -5.40
N GLU B 150 -9.14 -21.65 -5.93
CA GLU B 150 -8.89 -22.10 -7.30
C GLU B 150 -10.13 -22.77 -7.87
N LYS B 151 -10.12 -22.91 -9.20
CA LYS B 151 -11.16 -23.64 -9.91
C LYS B 151 -11.02 -25.11 -9.58
N ILE B 152 -12.18 -25.80 -9.53
CA ILE B 152 -12.21 -27.24 -9.34
C ILE B 152 -12.91 -27.86 -10.55
N ASN B 153 -12.17 -28.73 -11.25
CA ASN B 153 -12.63 -29.39 -12.46
C ASN B 153 -13.19 -28.37 -13.43
N GLY B 154 -12.46 -27.26 -13.60
CA GLY B 154 -12.77 -26.27 -14.64
C GLY B 154 -13.79 -25.22 -14.20
N LYS B 155 -14.21 -25.23 -12.94
CA LYS B 155 -15.32 -24.39 -12.51
C LYS B 155 -14.95 -23.54 -11.30
N TYR B 156 -15.52 -22.33 -11.24
CA TYR B 156 -15.51 -21.54 -10.02
C TYR B 156 -16.46 -22.19 -9.01
N VAL B 157 -16.08 -22.12 -7.73
CA VAL B 157 -16.87 -22.69 -6.65
C VAL B 157 -16.99 -21.63 -5.56
N MET B 158 -18.19 -21.48 -4.98
CA MET B 158 -18.41 -20.50 -3.93
C MET B 158 -19.14 -21.15 -2.76
N LEU B 159 -18.87 -20.61 -1.56
CA LEU B 159 -19.65 -20.92 -0.37
C LEU B 159 -20.59 -19.76 -0.10
N HIS B 160 -21.78 -20.06 0.42
CA HIS B 160 -22.75 -19.04 0.79
C HIS B 160 -23.55 -19.54 1.99
N ARG B 161 -24.58 -18.79 2.41
CA ARG B 161 -25.27 -19.09 3.65
C ARG B 161 -26.75 -18.72 3.53
N ARG B 162 -27.53 -19.64 2.95
CA ARG B 162 -28.98 -19.60 3.04
C ARG B 162 -29.36 -19.98 4.47
N TYR B 163 -29.85 -19.00 5.22
CA TYR B 163 -29.95 -19.11 6.68
C TYR B 163 -30.74 -20.35 7.06
N PRO B 164 -30.28 -21.17 8.05
CA PRO B 164 -29.03 -20.92 8.78
C PRO B 164 -27.83 -21.81 8.45
N ASP B 165 -27.76 -22.29 7.21
CA ASP B 165 -26.82 -23.34 6.83
C ASP B 165 -25.78 -22.80 5.85
N ILE B 166 -24.60 -23.41 5.85
CA ILE B 166 -23.60 -23.15 4.82
C ILE B 166 -23.99 -23.93 3.56
N TRP B 167 -23.92 -23.24 2.41
CA TRP B 167 -24.23 -23.84 1.11
C TRP B 167 -23.02 -23.72 0.19
N ILE B 168 -23.05 -24.49 -0.90
CA ILE B 168 -22.04 -24.42 -1.95
C ILE B 168 -22.76 -24.26 -3.28
N ALA B 169 -22.06 -23.68 -4.27
CA ALA B 169 -22.58 -23.58 -5.63
C ALA B 169 -21.40 -23.45 -6.61
N PHE B 170 -21.72 -23.57 -7.90
CA PHE B 170 -20.72 -23.66 -8.95
C PHE B 170 -21.10 -22.73 -10.10
N SER B 171 -20.09 -22.31 -10.87
CA SER B 171 -20.29 -21.40 -11.99
C SER B 171 -19.18 -21.56 -13.02
N ASP B 172 -19.51 -21.30 -14.29
CA ASP B 172 -18.53 -21.32 -15.36
C ASP B 172 -17.87 -19.94 -15.49
N ASP B 173 -18.59 -18.88 -15.10
CA ASP B 173 -18.21 -17.53 -15.49
C ASP B 173 -18.50 -16.48 -14.41
N LEU B 174 -18.96 -16.91 -13.22
CA LEU B 174 -19.25 -16.01 -12.09
C LEU B 174 -20.58 -15.28 -12.26
N LYS B 175 -21.27 -15.47 -13.40
CA LYS B 175 -22.50 -14.75 -13.69
C LYS B 175 -23.72 -15.57 -13.27
N ASN B 176 -23.72 -16.87 -13.61
CA ASN B 176 -24.82 -17.75 -13.27
C ASN B 176 -24.30 -18.92 -12.44
N TRP B 177 -25.09 -19.31 -11.43
CA TRP B 177 -24.68 -20.31 -10.46
C TRP B 177 -25.63 -21.50 -10.49
N TYR B 178 -25.08 -22.70 -10.25
CA TYR B 178 -25.83 -23.94 -10.35
C TYR B 178 -25.28 -24.93 -9.33
N ASP B 179 -26.05 -26.03 -9.13
CA ASP B 179 -25.69 -27.10 -8.21
C ASP B 179 -25.62 -26.59 -6.78
N HIS B 180 -26.57 -25.72 -6.40
CA HIS B 180 -26.71 -25.28 -5.03
C HIS B 180 -27.02 -26.48 -4.14
N LYS B 181 -26.30 -26.59 -3.02
CA LYS B 181 -26.57 -27.65 -2.05
C LYS B 181 -26.05 -27.24 -0.68
N PRO B 182 -26.77 -27.58 0.41
CA PRO B 182 -26.28 -27.33 1.77
C PRO B 182 -25.16 -28.31 2.11
N ILE B 183 -24.12 -27.85 2.82
CA ILE B 183 -23.01 -28.70 3.18
C ILE B 183 -22.79 -28.74 4.70
N LEU B 184 -23.28 -27.75 5.44
CA LEU B 184 -23.06 -27.72 6.88
C LEU B 184 -24.23 -27.04 7.59
N LYS B 185 -24.68 -27.66 8.69
CA LYS B 185 -25.84 -27.19 9.42
C LYS B 185 -25.50 -27.01 10.90
N PRO B 186 -26.31 -26.22 11.65
CA PRO B 186 -26.19 -26.15 13.11
C PRO B 186 -26.45 -27.51 13.74
N ILE B 187 -25.99 -27.68 14.98
CA ILE B 187 -26.23 -28.88 15.76
C ILE B 187 -26.96 -28.49 17.05
N PRO B 188 -28.16 -29.04 17.32
CA PRO B 188 -28.94 -28.63 18.49
C PRO B 188 -28.23 -28.94 19.82
N ASN B 189 -28.50 -28.10 20.82
CA ASN B 189 -28.00 -28.26 22.18
C ASN B 189 -26.48 -28.28 22.20
N THR B 190 -25.85 -27.44 21.37
CA THR B 190 -24.40 -27.24 21.42
C THR B 190 -24.11 -25.74 21.29
N TRP B 191 -22.81 -25.44 21.31
CA TRP B 191 -22.30 -24.10 21.06
C TRP B 191 -22.63 -23.63 19.63
N GLU B 192 -22.98 -24.57 18.74
CA GLU B 192 -23.22 -24.25 17.34
C GLU B 192 -24.67 -24.58 16.96
N SER B 193 -25.62 -24.11 17.78
CA SER B 193 -27.03 -24.52 17.67
C SER B 193 -27.84 -23.56 16.80
N ALA B 194 -27.56 -22.26 16.85
CA ALA B 194 -28.44 -21.26 16.24
C ALA B 194 -28.20 -21.13 14.74
N ARG B 195 -26.92 -21.04 14.33
CA ARG B 195 -26.58 -20.78 12.95
C ARG B 195 -25.11 -21.06 12.70
N VAL B 196 -24.77 -21.26 11.41
CA VAL B 196 -23.39 -21.41 10.99
C VAL B 196 -23.15 -20.53 9.77
N GLY B 197 -21.87 -20.28 9.49
CA GLY B 197 -21.42 -19.54 8.33
C GLY B 197 -19.90 -19.66 8.20
N ILE B 198 -19.37 -19.47 6.99
CA ILE B 198 -17.93 -19.60 6.81
C ILE B 198 -17.22 -18.49 7.59
N GLY B 199 -15.95 -18.74 7.88
CA GLY B 199 -15.02 -17.70 8.28
C GLY B 199 -14.38 -17.09 7.03
N GLY B 200 -13.06 -17.26 6.92
CA GLY B 200 -12.34 -16.85 5.72
C GLY B 200 -12.50 -17.90 4.62
N PRO B 201 -11.94 -17.63 3.41
CA PRO B 201 -11.93 -18.62 2.33
C PRO B 201 -11.27 -19.93 2.76
N PRO B 202 -11.66 -21.08 2.18
CA PRO B 202 -11.05 -22.37 2.52
C PRO B 202 -9.60 -22.44 2.03
N ILE B 203 -8.80 -23.28 2.69
CA ILE B 203 -7.39 -23.42 2.37
C ILE B 203 -7.12 -24.85 1.91
N LYS B 204 -6.42 -24.99 0.78
CA LYS B 204 -6.11 -26.29 0.21
C LYS B 204 -5.03 -26.99 1.04
N THR B 205 -5.33 -28.23 1.43
CA THR B 205 -4.46 -29.11 2.18
C THR B 205 -4.36 -30.43 1.41
N LYS B 206 -3.35 -31.24 1.71
CA LYS B 206 -3.16 -32.51 1.00
C LYS B 206 -4.29 -33.47 1.36
N ASP B 207 -4.91 -33.27 2.54
CA ASP B 207 -5.98 -34.12 3.04
C ASP B 207 -7.38 -33.61 2.69
N GLY B 208 -7.49 -32.42 2.10
CA GLY B 208 -8.79 -31.81 1.84
C GLY B 208 -8.76 -30.28 1.95
N TRP B 209 -9.93 -29.66 1.78
CA TRP B 209 -10.09 -28.23 1.98
C TRP B 209 -10.30 -27.95 3.46
N PHE B 210 -9.38 -27.20 4.07
CA PHE B 210 -9.52 -26.78 5.46
C PHE B 210 -10.37 -25.50 5.49
N LEU B 211 -11.51 -25.58 6.18
CA LEU B 211 -12.46 -24.48 6.25
C LEU B 211 -12.73 -24.14 7.71
N ILE B 212 -12.42 -22.90 8.08
CA ILE B 212 -12.85 -22.35 9.34
C ILE B 212 -14.28 -21.82 9.17
N TYR B 213 -15.14 -22.12 10.15
CA TYR B 213 -16.50 -21.60 10.15
C TYR B 213 -16.76 -20.93 11.49
N HIS B 214 -17.83 -20.12 11.53
CA HIS B 214 -18.31 -19.57 12.79
C HIS B 214 -19.68 -20.16 13.09
N ALA B 215 -20.06 -20.08 14.36
CA ALA B 215 -21.40 -20.46 14.80
C ALA B 215 -21.80 -19.61 15.99
N ALA B 216 -23.13 -19.50 16.18
CA ALA B 216 -23.70 -18.84 17.36
C ALA B 216 -24.50 -19.87 18.16
N ASP B 217 -24.47 -19.72 19.49
CA ASP B 217 -25.26 -20.54 20.39
C ASP B 217 -26.58 -19.83 20.65
N ASP B 218 -27.38 -20.34 21.60
CA ASP B 218 -28.71 -19.82 21.81
C ASP B 218 -28.69 -18.54 22.65
N ASN B 219 -27.48 -18.08 23.03
CA ASN B 219 -27.32 -16.75 23.63
C ASN B 219 -26.58 -15.79 22.69
N ASN B 220 -26.38 -16.19 21.43
CA ASN B 220 -25.75 -15.36 20.41
C ASN B 220 -24.27 -15.11 20.74
N VAL B 221 -23.62 -16.07 21.41
CA VAL B 221 -22.18 -16.08 21.54
C VAL B 221 -21.60 -16.69 20.28
N TYR B 222 -20.63 -16.00 19.65
CA TYR B 222 -20.03 -16.45 18.41
C TYR B 222 -18.67 -17.07 18.69
N ARG B 223 -18.43 -18.25 18.11
CA ARG B 223 -17.16 -18.96 18.20
C ARG B 223 -16.78 -19.49 16.82
N LEU B 224 -15.50 -19.90 16.67
CA LEU B 224 -15.02 -20.48 15.43
C LEU B 224 -14.87 -21.99 15.59
N GLY B 225 -15.06 -22.72 14.48
CA GLY B 225 -14.84 -24.15 14.40
C GLY B 225 -14.11 -24.51 13.11
N ALA B 226 -13.88 -25.81 12.87
CA ALA B 226 -13.13 -26.26 11.71
C ALA B 226 -13.78 -27.49 11.08
N VAL B 227 -13.73 -27.55 9.74
CA VAL B 227 -14.17 -28.71 8.98
C VAL B 227 -13.13 -28.99 7.89
N LEU B 228 -13.15 -30.23 7.39
CA LEU B 228 -12.35 -30.65 6.25
C LEU B 228 -13.28 -31.16 5.14
N LEU B 229 -13.11 -30.63 3.93
CA LEU B 229 -13.94 -31.01 2.79
C LEU B 229 -13.10 -31.82 1.80
N ASP B 230 -13.76 -32.71 1.04
CA ASP B 230 -13.10 -33.50 0.02
C ASP B 230 -12.58 -32.58 -1.09
N LEU B 231 -11.39 -32.90 -1.62
CA LEU B 231 -10.68 -32.03 -2.55
C LEU B 231 -11.47 -31.84 -3.84
N GLU B 232 -11.96 -32.95 -4.41
CA GLU B 232 -12.53 -32.94 -5.75
C GLU B 232 -14.03 -32.69 -5.70
N ASP B 233 -14.68 -33.07 -4.59
CA ASP B 233 -16.08 -32.76 -4.36
C ASP B 233 -16.22 -32.07 -3.01
N PRO B 234 -16.00 -30.74 -2.94
CA PRO B 234 -16.08 -30.03 -1.66
C PRO B 234 -17.46 -29.99 -0.98
N SER B 235 -18.49 -30.58 -1.62
CA SER B 235 -19.79 -30.73 -0.99
C SER B 235 -19.76 -31.86 0.04
N LYS B 236 -18.71 -32.68 0.00
CA LYS B 236 -18.58 -33.83 0.90
C LYS B 236 -17.71 -33.45 2.09
N VAL B 237 -18.28 -33.59 3.29
CA VAL B 237 -17.58 -33.29 4.54
C VAL B 237 -16.85 -34.54 5.02
N ILE B 238 -15.52 -34.48 5.08
CA ILE B 238 -14.70 -35.58 5.55
C ILE B 238 -14.70 -35.60 7.08
N ALA B 239 -14.53 -34.44 7.70
CA ALA B 239 -14.43 -34.36 9.15
C ALA B 239 -14.92 -33.00 9.64
N ARG B 240 -15.45 -33.01 10.86
CA ARG B 240 -15.93 -31.81 11.53
C ARG B 240 -15.55 -31.91 13.01
N GLN B 241 -14.73 -30.97 13.49
CA GLN B 241 -14.33 -30.98 14.87
C GLN B 241 -15.53 -30.60 15.73
N LYS B 242 -15.69 -31.32 16.84
CA LYS B 242 -16.82 -31.18 17.74
C LYS B 242 -16.70 -29.88 18.54
N GLU B 243 -15.50 -29.57 19.01
CA GLU B 243 -15.26 -28.44 19.90
C GLU B 243 -14.81 -27.22 19.08
N PRO B 244 -15.01 -25.99 19.59
CA PRO B 244 -14.53 -24.78 18.90
C PRO B 244 -13.00 -24.70 18.87
N ILE B 245 -12.48 -23.98 17.87
CA ILE B 245 -11.05 -23.73 17.75
C ILE B 245 -10.70 -22.38 18.37
N LEU B 246 -11.71 -21.52 18.59
CA LEU B 246 -11.51 -20.20 19.18
C LEU B 246 -12.82 -19.72 19.79
N GLU B 247 -12.71 -19.10 20.97
CA GLU B 247 -13.87 -18.55 21.68
C GLU B 247 -13.50 -17.19 22.28
N PRO B 248 -14.49 -16.33 22.59
CA PRO B 248 -14.22 -15.08 23.30
C PRO B 248 -13.67 -15.34 24.70
N GLU B 249 -12.46 -14.82 24.97
CA GLU B 249 -11.78 -15.03 26.24
C GLU B 249 -11.24 -13.70 26.78
N LEU B 250 -10.54 -12.93 25.95
CA LEU B 250 -9.96 -11.67 26.38
C LEU B 250 -11.05 -10.60 26.47
N GLY B 251 -10.73 -9.52 27.20
CA GLY B 251 -11.67 -8.45 27.48
C GLY B 251 -12.25 -7.82 26.21
N TRP B 252 -11.42 -7.67 25.18
CA TRP B 252 -11.82 -7.01 23.95
C TRP B 252 -12.49 -7.98 22.98
N GLU B 253 -12.56 -9.27 23.34
CA GLU B 253 -13.38 -10.24 22.64
C GLU B 253 -14.75 -10.36 23.30
N LYS B 254 -14.81 -10.20 24.62
CA LYS B 254 -16.04 -10.41 25.37
C LYS B 254 -16.86 -9.12 25.44
N GLU B 255 -16.17 -7.96 25.46
CA GLU B 255 -16.83 -6.68 25.67
C GLU B 255 -16.51 -5.74 24.51
N GLY B 256 -17.52 -4.97 24.12
CA GLY B 256 -17.47 -4.11 22.95
C GLY B 256 -18.90 -3.79 22.51
N TYR B 257 -19.06 -3.36 21.25
CA TYR B 257 -20.36 -2.96 20.75
C TYR B 257 -21.30 -4.17 20.68
N ILE B 258 -20.77 -5.33 20.27
CA ILE B 258 -21.53 -6.58 20.27
C ILE B 258 -20.81 -7.57 21.18
N PRO B 259 -21.31 -7.87 22.40
CA PRO B 259 -20.59 -8.75 23.33
C PRO B 259 -20.40 -10.18 22.84
N ASN B 260 -19.27 -10.78 23.27
CA ASN B 260 -19.00 -12.20 23.14
C ASN B 260 -19.00 -12.63 21.68
N VAL B 261 -18.13 -12.01 20.87
CA VAL B 261 -17.99 -12.34 19.47
C VAL B 261 -16.51 -12.50 19.13
N VAL B 262 -16.19 -13.63 18.50
CA VAL B 262 -15.03 -13.74 17.62
C VAL B 262 -15.56 -14.15 16.25
N PHE B 263 -15.09 -13.47 15.20
CA PHE B 263 -15.67 -13.63 13.87
C PHE B 263 -14.59 -13.35 12.82
N SER B 264 -14.31 -14.34 11.95
CA SER B 264 -13.24 -14.25 10.98
C SER B 264 -13.79 -14.16 9.56
N CYS B 265 -13.15 -13.31 8.74
CA CYS B 265 -13.40 -13.26 7.31
C CYS B 265 -12.10 -13.43 6.53
N GLY B 266 -11.02 -13.85 7.22
CA GLY B 266 -9.69 -13.82 6.61
C GLY B 266 -8.72 -14.77 7.31
N ASN B 267 -8.00 -15.56 6.49
CA ASN B 267 -6.94 -16.42 6.98
C ASN B 267 -5.80 -16.41 5.95
N ALA B 268 -4.73 -15.68 6.27
CA ALA B 268 -3.56 -15.56 5.41
C ALA B 268 -2.58 -16.68 5.72
N VAL B 269 -1.76 -17.07 4.72
CA VAL B 269 -0.83 -18.17 4.88
C VAL B 269 0.58 -17.71 4.53
N LYS B 270 1.51 -17.97 5.45
CA LYS B 270 2.93 -17.72 5.22
C LYS B 270 3.76 -18.88 5.76
N ASP B 271 4.53 -19.55 4.87
CA ASP B 271 5.44 -20.62 5.24
C ASP B 271 4.74 -21.63 6.16
N ASP B 272 3.59 -22.15 5.71
CA ASP B 272 2.90 -23.25 6.38
C ASP B 272 2.33 -22.83 7.75
N THR B 273 2.19 -21.52 7.99
CA THR B 273 1.45 -21.05 9.15
C THR B 273 0.25 -20.23 8.70
N ILE B 274 -0.93 -20.56 9.24
CA ILE B 274 -2.16 -19.84 8.95
C ILE B 274 -2.33 -18.74 9.97
N TYR B 275 -2.50 -17.50 9.50
CA TYR B 275 -2.79 -16.35 10.34
C TYR B 275 -4.28 -16.03 10.22
N VAL B 276 -5.05 -16.34 11.26
CA VAL B 276 -6.48 -16.13 11.27
C VAL B 276 -6.77 -14.77 11.91
N TYR B 277 -7.20 -13.80 11.10
CA TYR B 277 -7.62 -12.50 11.61
C TYR B 277 -9.10 -12.57 11.94
N TYR B 278 -9.49 -11.90 13.03
CA TYR B 278 -10.86 -11.99 13.51
C TYR B 278 -11.27 -10.70 14.20
N GLY B 279 -12.56 -10.35 14.05
CA GLY B 279 -13.17 -9.28 14.81
C GLY B 279 -13.42 -9.74 16.25
N GLY B 280 -13.15 -8.83 17.19
CA GLY B 280 -13.50 -9.02 18.59
C GLY B 280 -14.62 -8.05 18.98
N ALA B 281 -15.77 -8.61 19.34
CA ALA B 281 -16.92 -7.84 19.81
C ALA B 281 -17.39 -6.83 18.77
N ASP B 282 -17.18 -7.13 17.48
CA ASP B 282 -17.50 -6.22 16.39
C ASP B 282 -16.91 -4.82 16.64
N THR B 283 -15.71 -4.76 17.25
CA THR B 283 -15.12 -3.48 17.63
C THR B 283 -13.66 -3.39 17.20
N VAL B 284 -12.88 -4.48 17.34
CA VAL B 284 -11.45 -4.47 17.05
C VAL B 284 -11.07 -5.75 16.29
N ILE B 285 -9.81 -5.83 15.88
CA ILE B 285 -9.29 -6.99 15.15
C ILE B 285 -8.11 -7.60 15.91
N GLY B 286 -8.13 -8.92 16.05
CA GLY B 286 -7.03 -9.69 16.60
C GLY B 286 -6.51 -10.72 15.60
N VAL B 287 -5.47 -11.47 15.98
CA VAL B 287 -4.90 -12.51 15.13
C VAL B 287 -4.53 -13.71 15.99
N ALA B 288 -4.75 -14.90 15.43
CA ALA B 288 -4.34 -16.16 16.04
C ALA B 288 -3.86 -17.11 14.95
N ILE B 289 -2.94 -18.02 15.28
CA ILE B 289 -2.28 -18.82 14.27
C ILE B 289 -2.60 -20.30 14.43
N LEU B 290 -2.34 -21.03 13.34
CA LEU B 290 -2.39 -22.48 13.30
C LEU B 290 -1.37 -22.97 12.28
N GLU B 291 -0.44 -23.82 12.72
CA GLU B 291 0.53 -24.42 11.82
C GLU B 291 -0.17 -25.55 11.06
N MET B 292 0.13 -25.66 9.76
CA MET B 292 -0.51 -26.65 8.89
C MET B 292 -0.36 -28.05 9.49
N LYS B 293 0.80 -28.33 10.08
CA LYS B 293 1.12 -29.64 10.62
C LYS B 293 0.16 -30.00 11.78
N ASP B 294 -0.49 -29.00 12.38
CA ASP B 294 -1.37 -29.22 13.52
C ASP B 294 -2.83 -29.39 13.10
N ILE B 295 -3.10 -29.44 11.79
CA ILE B 295 -4.45 -29.71 11.29
C ILE B 295 -4.70 -31.22 11.39
N LYS B 296 -5.34 -31.64 12.48
CA LYS B 296 -5.63 -33.06 12.74
C LYS B 296 -7.03 -33.21 13.32
N PHE B 297 -7.82 -34.13 12.74
CA PHE B 297 -9.19 -34.38 13.18
C PHE B 297 -9.28 -35.77 13.80
N HIS B 298 -10.01 -35.88 14.91
CA HIS B 298 -10.25 -37.15 15.59
C HIS B 298 -11.44 -37.86 14.94
C1 BMA C . -30.58 -7.34 14.13
C2 BMA C . -29.78 -8.61 14.28
C3 BMA C . -28.89 -8.50 15.50
C4 BMA C . -27.93 -7.33 15.29
C5 BMA C . -28.73 -6.04 15.04
C6 BMA C . -27.83 -4.89 14.63
O1 BMA C . -31.44 -7.46 13.03
O2 BMA C . -28.98 -8.83 13.09
O3 BMA C . -28.16 -9.71 15.70
O4 BMA C . -27.10 -7.15 16.43
O5 BMA C . -29.70 -6.23 13.97
O6 BMA C . -28.58 -3.70 14.43
C1 BMA C . -29.13 -10.02 12.39
C2 BMA C . -28.35 -9.91 11.07
C3 BMA C . -28.52 -11.19 10.28
C4 BMA C . -28.05 -12.36 11.11
C5 BMA C . -28.81 -12.40 12.44
C6 BMA C . -28.32 -13.48 13.38
O2 BMA C . -26.95 -9.65 11.34
O3 BMA C . -27.79 -11.10 9.06
O4 BMA C . -28.25 -13.58 10.41
O5 BMA C . -28.64 -11.13 13.13
O6 BMA C . -26.96 -13.82 13.12
C1 BMA C . -26.50 -8.36 11.11
C2 BMA C . -25.05 -8.15 11.55
C3 BMA C . -24.60 -6.72 11.21
C4 BMA C . -24.87 -6.39 9.75
C5 BMA C . -26.34 -6.69 9.39
C6 BMA C . -26.64 -6.52 7.93
O2 BMA C . -24.16 -9.15 10.96
O3 BMA C . -23.22 -6.55 11.50
O4 BMA C . -24.63 -5.01 9.51
O5 BMA C . -26.61 -8.07 9.71
O6 BMA C . -25.89 -7.44 7.13
C1 BMA C . -23.91 -10.38 11.56
C2 BMA C . -22.66 -10.98 10.90
C3 BMA C . -21.41 -10.17 11.21
C4 BMA C . -21.37 -9.79 12.69
C5 BMA C . -22.38 -10.65 13.46
C6 BMA C . -22.34 -10.46 14.95
O2 BMA C . -22.88 -11.13 9.49
O3 BMA C . -21.37 -8.99 10.40
O4 BMA C . -20.07 -10.00 13.25
O5 BMA C . -23.71 -10.29 12.98
O6 BMA C . -22.76 -9.16 15.35
C1 BMA D . 23.18 24.74 5.32
C2 BMA D . 22.91 24.77 3.84
C3 BMA D . 21.65 25.54 3.56
C4 BMA D . 20.49 24.84 4.25
C5 BMA D . 20.78 24.71 5.76
C6 BMA D . 19.77 23.82 6.46
O1 BMA D . 24.37 24.05 5.59
O2 BMA D . 22.75 23.43 3.33
O3 BMA D . 21.42 25.62 2.16
O4 BMA D . 19.29 25.57 4.06
O5 BMA D . 22.08 24.10 5.98
O6 BMA D . 20.03 23.75 7.87
C1 BMA D . 23.65 22.90 2.42
C2 BMA D . 23.37 21.40 2.38
C3 BMA D . 24.34 20.73 1.42
C4 BMA D . 24.24 21.37 0.04
C5 BMA D . 24.43 22.89 0.15
C6 BMA D . 24.19 23.61 -1.16
O2 BMA D . 21.98 21.16 2.06
O3 BMA D . 24.07 19.33 1.34
O4 BMA D . 25.24 20.84 -0.82
O5 BMA D . 23.50 23.44 1.11
O6 BMA D . 22.88 23.36 -1.65
C1 BMA D . 21.21 20.65 3.11
C2 BMA D . 19.72 20.60 2.78
C3 BMA D . 18.95 19.92 3.90
C4 BMA D . 19.57 18.59 4.27
C5 BMA D . 21.08 18.72 4.50
C6 BMA D . 21.77 17.39 4.66
O2 BMA D . 19.51 19.94 1.54
O3 BMA D . 17.59 19.73 3.49
O4 BMA D . 18.96 18.09 5.46
O5 BMA D . 21.69 19.34 3.37
O6 BMA D . 21.79 16.69 3.42
C1 EDO E . -0.37 -0.37 -1.17
O1 EDO E . -0.02 -0.43 -2.54
C2 EDO E . 0.72 -0.83 -0.26
O2 EDO E . 0.97 -2.22 -0.30
C1 EDO F . 3.82 -1.49 -6.07
O1 EDO F . 2.97 -1.88 -7.14
C2 EDO F . 4.44 -2.65 -5.38
O2 EDO F . 5.35 -3.36 -6.20
C1 EDO G . -4.64 15.56 -0.62
O1 EDO G . -5.61 16.11 -1.50
C2 EDO G . -4.37 14.13 -0.86
O2 EDO G . -3.93 13.86 -2.19
C1 EDO H . 16.13 23.04 -1.14
O1 EDO H . 16.62 23.70 0.01
C2 EDO H . 16.56 21.62 -1.22
O2 EDO H . 15.59 20.68 -0.77
C1 EDO I . 19.70 30.77 5.57
O1 EDO I . 18.45 31.29 5.13
C2 EDO I . 20.45 30.06 4.50
O2 EDO I . 21.48 29.21 5.00
S SO4 J . 21.46 20.69 -3.64
O1 SO4 J . 21.59 21.10 -5.02
O2 SO4 J . 21.03 19.32 -3.59
O3 SO4 J . 22.73 20.82 -2.98
O4 SO4 J . 20.50 21.53 -2.98
C1 EDO K . -0.76 -6.22 -4.43
O1 EDO K . -0.92 -7.31 -5.32
C2 EDO K . -0.49 -6.65 -3.03
O2 EDO K . 0.73 -7.35 -2.87
C1 EDO L . -1.45 -1.45 16.28
O1 EDO L . -0.55 -2.17 17.11
C2 EDO L . -1.11 -1.55 14.84
O2 EDO L . -0.94 -2.88 14.39
S SO4 M . -24.20 -14.60 10.68
O1 SO4 M . -23.33 -14.07 9.67
O2 SO4 M . -23.90 -15.99 10.90
O3 SO4 M . -24.01 -13.87 11.91
O4 SO4 M . -25.57 -14.46 10.25
#